data_2H9F
#
_entry.id   2H9F
#
_cell.length_a   148.690
_cell.length_b   148.690
_cell.length_c   141.085
_cell.angle_alpha   90.000
_cell.angle_beta   90.000
_cell.angle_gamma   90.000
#
_symmetry.space_group_name_H-M   'I 41 2 2'
#
loop_
_entity.id
_entity.type
_entity.pdbx_description
1 polymer 'Hypothetical protein'
2 non-polymer 'COBALT (II) ION'
3 non-polymer 'CHLORIDE ION'
4 non-polymer 'SULFATE ION'
5 non-polymer GLYCEROL
6 water water
#
_entity_poly.entity_id   1
_entity_poly.type   'polypeptide(L)'
_entity_poly.pdbx_seq_one_letter_code
;G(MSE)AHPPQIRIPATYLRGGTSKGVFFRLEDLPESCRVPGEARDRLF(MSE)RVIGSPDPYAAHIDG(MSE)GGATSS
TSKCVILSKSSQPGHDVDYLYGQVSIDKPFVDWSGNCGNLSTGAGAFALHAGLVDPARIPEDGICEVRIWQANIGKTIIA
HVPVSGGQVQETGDFELDGVTFPAAEIVLEFLDPSDDGEDGGAIFPTGNLVDDLEVPGVGTFKAT(MSE)INAGIPTVFV
NAEEIGYRGTELREEINGDPQQLARFERIRVAGALR(MSE)GLIKTPEEAATRQHTPKIAFVAPPRDYRTASGKLVAAGD
IDLLVRALS(MSE)GKLHHA(MSE)(MSE)GTAAVAIGTAAAIPGTLVNLAAGGGERSAVRFGHPSGTLRVGAEASQANG
EWTVTKAI(MSE)SRSARIL(MSE)EGWVRVPGDAF
;
_entity_poly.pdbx_strand_id   A
#
# COMPACT_ATOMS: atom_id res chain seq x y z
N ALA A 3 1.07 30.78 -35.01
CA ALA A 3 1.17 29.37 -35.32
C ALA A 3 1.58 28.60 -34.07
N HIS A 4 2.39 29.25 -33.21
CA HIS A 4 2.86 28.67 -31.97
C HIS A 4 2.71 29.59 -30.80
N PRO A 5 1.54 29.57 -30.21
CA PRO A 5 1.25 30.34 -29.02
C PRO A 5 2.08 29.84 -27.89
N PRO A 6 2.15 30.62 -26.83
CA PRO A 6 2.91 30.23 -25.70
C PRO A 6 2.30 29.00 -25.00
N GLN A 7 3.08 28.39 -24.15
CA GLN A 7 2.57 27.35 -23.29
C GLN A 7 1.56 27.96 -22.33
N ILE A 8 0.66 27.09 -21.86
CA ILE A 8 -0.32 27.36 -20.79
C ILE A 8 0.41 27.11 -19.48
N ARG A 9 0.19 27.96 -18.48
CA ARG A 9 0.66 27.71 -17.12
C ARG A 9 -0.51 27.25 -16.24
N ILE A 10 -0.39 26.04 -15.69
CA ILE A 10 -1.44 25.39 -14.86
C ILE A 10 -0.93 25.19 -13.46
N PRO A 11 -1.61 25.83 -12.49
CA PRO A 11 -1.21 25.65 -11.09
C PRO A 11 -1.16 24.17 -10.73
N ALA A 12 -0.07 23.74 -10.10
CA ALA A 12 0.14 22.32 -9.78
C ALA A 12 1.12 22.27 -8.62
N THR A 13 1.13 21.10 -8.00
CA THR A 13 2.03 20.74 -6.93
C THR A 13 2.56 19.34 -7.24
N TYR A 14 3.88 19.22 -7.15
CA TYR A 14 4.52 17.97 -7.39
C TYR A 14 4.95 17.40 -6.05
N LEU A 15 4.37 16.26 -5.71
CA LEU A 15 4.56 15.68 -4.37
C LEU A 15 5.04 14.25 -4.49
N ARG A 16 5.81 13.86 -3.48
CA ARG A 16 6.01 12.46 -3.15
C ARG A 16 4.95 12.03 -2.18
N GLY A 17 4.26 10.96 -2.53
CA GLY A 17 3.25 10.34 -1.66
C GLY A 17 3.65 8.90 -1.50
N GLY A 18 4.04 8.55 -0.31
CA GLY A 18 4.59 7.24 -0.06
C GLY A 18 5.79 7.00 -0.98
N THR A 19 5.75 5.92 -1.77
CA THR A 19 6.90 5.54 -2.60
C THR A 19 6.64 5.86 -4.10
N SER A 20 5.73 6.80 -4.36
CA SER A 20 5.46 7.32 -5.67
C SER A 20 5.58 8.85 -5.70
N LYS A 21 5.74 9.39 -6.92
CA LYS A 21 5.67 10.85 -7.17
C LYS A 21 4.48 11.08 -8.10
N GLY A 22 3.77 12.18 -7.89
CA GLY A 22 2.67 12.53 -8.76
C GLY A 22 2.55 14.06 -8.88
N VAL A 23 1.88 14.48 -9.96
CA VAL A 23 1.60 15.87 -10.18
C VAL A 23 0.17 16.04 -9.74
N PHE A 24 -0.05 16.95 -8.77
CA PHE A 24 -1.34 17.17 -8.16
C PHE A 24 -1.98 18.49 -8.61
N PHE A 25 -3.27 18.40 -8.92
CA PHE A 25 -4.05 19.55 -9.32
C PHE A 25 -5.29 19.71 -8.47
N ARG A 26 -5.65 20.94 -8.14
CA ARG A 26 -7.05 21.23 -7.76
C ARG A 26 -7.94 21.27 -8.98
N LEU A 27 -9.14 20.70 -8.89
CA LEU A 27 -10.04 20.70 -10.05
C LEU A 27 -10.26 22.10 -10.63
N GLU A 28 -10.49 23.08 -9.77
CA GLU A 28 -10.74 24.46 -10.19
C GLU A 28 -9.56 25.11 -10.91
N ASP A 29 -8.35 24.61 -10.70
CA ASP A 29 -7.16 25.14 -11.40
C ASP A 29 -6.96 24.61 -12.82
N LEU A 30 -7.76 23.62 -13.21
CA LEU A 30 -7.58 23.00 -14.52
C LEU A 30 -8.24 23.86 -15.56
N PRO A 31 -7.72 23.81 -16.78
CA PRO A 31 -8.49 24.39 -17.89
C PRO A 31 -9.92 23.92 -17.95
N GLU A 32 -10.79 24.79 -18.41
CA GLU A 32 -12.19 24.52 -18.32
C GLU A 32 -12.51 23.19 -18.98
N SER A 33 -11.92 22.91 -20.12
CA SER A 33 -12.18 21.65 -20.82
C SER A 33 -11.77 20.41 -20.02
N CYS A 34 -10.82 20.57 -19.11
CA CYS A 34 -10.34 19.47 -18.33
C CYS A 34 -11.05 19.31 -16.96
N ARG A 35 -12.11 20.07 -16.70
CA ARG A 35 -12.76 20.00 -15.38
C ARG A 35 -13.87 18.97 -15.35
N VAL A 36 -14.04 18.27 -16.46
CA VAL A 36 -14.81 17.04 -16.44
C VAL A 36 -13.97 15.93 -17.04
N PRO A 37 -14.30 14.67 -16.71
CA PRO A 37 -13.57 13.62 -17.34
C PRO A 37 -13.75 13.65 -18.84
N GLY A 38 -12.74 13.26 -19.57
CA GLY A 38 -12.85 13.27 -21.03
C GLY A 38 -11.52 13.21 -21.73
N GLU A 39 -11.56 13.29 -23.04
CA GLU A 39 -10.37 13.26 -23.86
C GLU A 39 -9.44 14.45 -23.58
N ALA A 40 -9.95 15.67 -23.37
CA ALA A 40 -9.08 16.84 -23.10
C ALA A 40 -8.26 16.60 -21.86
N ARG A 41 -8.91 16.08 -20.82
CA ARG A 41 -8.22 15.89 -19.55
C ARG A 41 -7.08 14.86 -19.69
N ASP A 42 -7.41 13.77 -20.38
CA ASP A 42 -6.48 12.66 -20.61
C ASP A 42 -5.29 13.18 -21.39
N ARG A 43 -5.55 13.93 -22.47
CA ARG A 43 -4.49 14.56 -23.30
CA ARG A 43 -4.44 14.48 -23.26
C ARG A 43 -3.62 15.50 -22.46
N LEU A 44 -4.28 16.30 -21.61
CA LEU A 44 -3.55 17.24 -20.79
C LEU A 44 -2.52 16.49 -19.93
N PHE A 45 -2.98 15.44 -19.24
CA PHE A 45 -2.14 14.71 -18.33
C PHE A 45 -1.04 13.89 -19.02
N ARG A 47 0.33 14.97 -21.61
CA ARG A 47 1.32 15.96 -22.02
CA ARG A 47 1.34 15.97 -21.99
C ARG A 47 2.12 16.47 -20.81
N VAL A 48 1.45 16.62 -19.67
CA VAL A 48 2.19 17.05 -18.44
C VAL A 48 3.27 16.06 -18.11
N ILE A 49 2.88 14.79 -18.17
CA ILE A 49 3.78 13.67 -17.89
C ILE A 49 4.89 13.44 -18.91
N GLY A 50 4.59 13.73 -20.16
CA GLY A 50 5.55 13.62 -21.26
C GLY A 50 5.32 12.38 -22.11
N SER A 51 4.08 11.90 -22.10
CA SER A 51 3.66 10.71 -22.82
C SER A 51 2.76 11.09 -23.97
N PRO A 52 2.61 10.20 -24.95
CA PRO A 52 3.32 8.92 -25.12
C PRO A 52 4.75 9.17 -25.62
N ASP A 53 5.72 8.50 -24.99
CA ASP A 53 7.11 8.68 -25.31
C ASP A 53 7.75 7.40 -25.89
N PRO A 54 8.13 7.43 -27.16
CA PRO A 54 8.82 6.33 -27.83
C PRO A 54 10.20 6.05 -27.25
N TYR A 55 10.81 7.07 -26.67
CA TYR A 55 12.09 6.89 -26.00
C TYR A 55 11.98 6.29 -24.59
N ALA A 56 10.77 6.20 -24.06
CA ALA A 56 10.58 5.62 -22.76
C ALA A 56 11.46 6.27 -21.69
N ALA A 57 11.62 7.61 -21.71
CA ALA A 57 12.53 8.31 -20.80
C ALA A 57 11.91 9.55 -20.13
N HIS A 58 10.78 10.02 -20.66
CA HIS A 58 10.07 11.20 -20.11
C HIS A 58 11.01 12.41 -19.92
N ILE A 59 11.87 12.63 -20.90
CA ILE A 59 12.74 13.78 -20.89
C ILE A 59 11.96 15.04 -21.21
N ASP A 60 10.77 14.91 -21.79
CA ASP A 60 10.00 16.08 -22.14
C ASP A 60 8.70 16.18 -21.34
N GLY A 61 8.79 15.86 -20.06
CA GLY A 61 7.68 16.03 -19.17
C GLY A 61 7.99 15.76 -17.74
N GLY A 63 7.02 13.27 -15.90
CA GLY A 63 7.19 11.86 -15.61
C GLY A 63 8.63 11.49 -15.34
N GLY A 64 8.81 10.32 -14.73
CA GLY A 64 10.15 9.76 -14.51
C GLY A 64 10.32 8.42 -15.22
N ALA A 65 9.46 8.13 -16.17
CA ALA A 65 9.52 6.91 -16.99
C ALA A 65 9.46 5.59 -16.20
N THR A 66 8.84 5.62 -15.01
CA THR A 66 8.47 4.42 -14.27
C THR A 66 7.01 4.47 -13.85
N SER A 67 6.44 3.34 -13.50
CA SER A 67 5.02 3.37 -13.13
C SER A 67 4.84 4.22 -11.87
N SER A 68 5.85 4.23 -10.99
CA SER A 68 5.81 5.01 -9.78
C SER A 68 5.88 6.52 -9.97
N THR A 69 6.21 6.94 -11.18
CA THR A 69 6.46 8.35 -11.46
C THR A 69 5.74 8.77 -12.71
N SER A 70 4.61 8.14 -13.01
CA SER A 70 3.86 8.49 -14.18
CA SER A 70 3.85 8.45 -14.20
C SER A 70 2.38 8.64 -13.81
N LYS A 71 2.15 9.59 -12.93
CA LYS A 71 0.89 9.73 -12.25
C LYS A 71 0.42 11.19 -12.10
N CYS A 72 -0.86 11.41 -12.29
CA CYS A 72 -1.50 12.71 -12.07
C CYS A 72 -2.69 12.52 -11.13
N VAL A 73 -2.95 13.53 -10.29
CA VAL A 73 -4.04 13.47 -9.30
C VAL A 73 -4.83 14.77 -9.33
N ILE A 74 -6.16 14.64 -9.36
CA ILE A 74 -7.13 15.74 -9.18
C ILE A 74 -7.81 15.60 -7.79
N LEU A 75 -7.76 16.68 -6.99
CA LEU A 75 -8.56 16.81 -5.75
C LEU A 75 -9.55 17.94 -5.94
N SER A 76 -10.74 17.75 -5.35
CA SER A 76 -11.79 18.74 -5.31
C SER A 76 -12.53 18.57 -3.98
N LYS A 77 -13.24 19.62 -3.56
CA LYS A 77 -14.15 19.53 -2.45
C LYS A 77 -15.18 18.46 -2.74
N SER A 78 -15.38 17.59 -1.78
CA SER A 78 -16.26 16.46 -1.99
C SER A 78 -17.73 16.85 -2.01
N SER A 79 -18.46 16.19 -2.89
CA SER A 79 -19.93 16.24 -2.92
C SER A 79 -20.50 15.14 -2.02
N GLN A 80 -19.64 14.21 -1.63
CA GLN A 80 -20.03 13.03 -0.92
C GLN A 80 -20.19 13.35 0.59
N PRO A 81 -21.39 13.11 1.15
CA PRO A 81 -21.58 13.42 2.57
C PRO A 81 -20.54 12.78 3.45
N GLY A 82 -20.04 13.53 4.42
CA GLY A 82 -19.05 13.04 5.37
C GLY A 82 -17.64 12.94 4.82
N HIS A 83 -17.35 13.69 3.77
CA HIS A 83 -16.03 13.68 3.19
C HIS A 83 -15.57 15.10 2.92
N ASP A 84 -14.27 15.31 3.01
CA ASP A 84 -13.65 16.59 2.71
C ASP A 84 -13.28 16.75 1.24
N VAL A 85 -12.68 15.74 0.63
CA VAL A 85 -12.22 15.84 -0.75
C VAL A 85 -12.55 14.63 -1.57
N ASP A 86 -12.81 14.83 -2.86
CA ASP A 86 -12.81 13.76 -3.82
C ASP A 86 -11.42 13.64 -4.43
N TYR A 87 -10.95 12.41 -4.56
CA TYR A 87 -9.60 12.09 -4.97
C TYR A 87 -9.66 11.18 -6.16
N LEU A 88 -9.13 11.68 -7.26
CA LEU A 88 -9.12 10.98 -8.54
C LEU A 88 -7.67 10.80 -8.98
N TYR A 89 -7.30 9.58 -9.38
CA TYR A 89 -5.94 9.25 -9.73
C TYR A 89 -5.90 8.68 -11.15
N GLY A 90 -5.02 9.27 -11.98
CA GLY A 90 -4.77 8.85 -13.37
C GLY A 90 -3.39 8.26 -13.54
N GLN A 91 -3.31 6.99 -13.95
CA GLN A 91 -2.00 6.35 -14.28
C GLN A 91 -1.74 6.54 -15.75
N VAL A 92 -0.68 7.28 -16.05
CA VAL A 92 -0.38 7.69 -17.42
C VAL A 92 0.57 6.64 -18.03
N SER A 93 0.16 5.99 -19.10
CA SER A 93 1.03 5.03 -19.77
CA SER A 93 1.04 5.03 -19.76
C SER A 93 2.26 5.72 -20.33
N ILE A 94 3.40 5.04 -20.33
CA ILE A 94 4.67 5.68 -20.72
C ILE A 94 4.73 5.76 -22.24
N ASP A 95 4.36 4.66 -22.87
CA ASP A 95 4.61 4.47 -24.27
C ASP A 95 3.34 4.48 -25.14
N LYS A 96 2.17 4.35 -24.53
CA LYS A 96 0.92 4.45 -25.25
C LYS A 96 0.17 5.70 -24.79
N PRO A 97 -0.71 6.24 -25.66
CA PRO A 97 -1.53 7.38 -25.25
C PRO A 97 -2.75 6.86 -24.50
N PHE A 98 -2.61 6.73 -23.19
CA PHE A 98 -3.65 6.15 -22.34
C PHE A 98 -3.49 6.62 -20.91
N VAL A 99 -4.59 7.02 -20.29
CA VAL A 99 -4.60 7.35 -18.88
C VAL A 99 -5.62 6.42 -18.27
N ASP A 100 -5.20 5.68 -17.25
CA ASP A 100 -6.08 4.66 -16.67
C ASP A 100 -6.63 5.23 -15.39
N TRP A 101 -7.95 5.28 -15.30
CA TRP A 101 -8.63 5.83 -14.14
C TRP A 101 -9.26 4.74 -13.25
N SER A 102 -8.96 3.49 -13.52
CA SER A 102 -9.71 2.40 -12.89
C SER A 102 -9.14 1.95 -11.54
N GLY A 103 -7.93 2.39 -11.20
CA GLY A 103 -7.28 1.86 -9.99
C GLY A 103 -7.26 2.87 -8.87
N ASN A 104 -6.70 2.46 -7.72
CA ASN A 104 -6.15 3.41 -6.74
C ASN A 104 -4.65 3.15 -6.50
N CYS A 105 -4.03 4.25 -6.11
CA CYS A 105 -2.68 4.28 -5.58
C CYS A 105 -2.75 4.63 -4.10
N GLY A 106 -2.53 3.63 -3.27
CA GLY A 106 -2.51 3.82 -1.85
C GLY A 106 -1.36 4.69 -1.41
N ASN A 107 -0.27 4.68 -2.20
CA ASN A 107 0.91 5.53 -1.87
C ASN A 107 0.57 6.99 -2.10
N LEU A 108 -0.07 7.30 -3.26
CA LEU A 108 -0.47 8.68 -3.53
C LEU A 108 -1.62 9.16 -2.66
N SER A 109 -2.41 8.26 -2.06
CA SER A 109 -3.39 8.65 -0.99
C SER A 109 -2.77 9.51 0.09
N THR A 110 -1.56 9.15 0.51
CA THR A 110 -0.86 9.92 1.50
C THR A 110 -0.74 11.35 0.99
N GLY A 111 -0.36 11.53 -0.29
CA GLY A 111 -0.25 12.84 -0.89
C GLY A 111 -1.58 13.53 -1.03
N ALA A 112 -2.63 12.78 -1.32
CA ALA A 112 -3.99 13.35 -1.37
C ALA A 112 -4.36 14.02 -0.03
N GLY A 113 -4.04 13.39 1.10
CA GLY A 113 -4.40 13.96 2.38
C GLY A 113 -3.64 15.24 2.65
N ALA A 114 -2.36 15.24 2.33
CA ALA A 114 -1.52 16.42 2.52
C ALA A 114 -1.94 17.56 1.55
N PHE A 115 -2.13 17.21 0.29
CA PHE A 115 -2.48 18.19 -0.72
C PHE A 115 -3.82 18.81 -0.44
N ALA A 116 -4.75 18.04 0.12
CA ALA A 116 -6.07 18.56 0.47
C ALA A 116 -5.92 19.81 1.33
N LEU A 117 -4.94 19.78 2.23
CA LEU A 117 -4.64 20.93 3.10
C LEU A 117 -3.82 22.02 2.41
N HIS A 118 -2.78 21.67 1.64
CA HIS A 118 -2.05 22.69 0.91
CA HIS A 118 -2.03 22.64 0.80
C HIS A 118 -3.00 23.40 -0.06
N ALA A 119 -3.97 22.68 -0.60
CA ALA A 119 -4.87 23.22 -1.58
C ALA A 119 -6.03 24.02 -1.05
N GLY A 120 -6.20 24.05 0.27
CA GLY A 120 -7.25 24.84 0.88
C GLY A 120 -8.60 24.20 0.72
N LEU A 121 -8.65 22.89 0.57
CA LEU A 121 -9.92 22.25 0.27
C LEU A 121 -10.64 21.72 1.50
N VAL A 122 -10.01 21.81 2.66
CA VAL A 122 -10.61 21.31 3.91
C VAL A 122 -11.23 22.44 4.72
N ASP A 123 -12.45 22.21 5.21
CA ASP A 123 -13.13 23.16 6.09
C ASP A 123 -12.14 23.55 7.20
N PRO A 124 -11.88 24.84 7.37
CA PRO A 124 -10.93 25.24 8.41
C PRO A 124 -11.40 24.93 9.84
N ALA A 125 -12.69 24.71 10.04
CA ALA A 125 -13.16 24.18 11.35
C ALA A 125 -12.50 22.84 11.73
N ARG A 126 -11.97 22.12 10.74
CA ARG A 126 -11.40 20.81 10.98
C ARG A 126 -9.89 20.83 11.19
N ILE A 127 -9.25 21.99 11.05
CA ILE A 127 -7.78 22.09 11.02
C ILE A 127 -7.33 22.73 12.32
N PRO A 128 -6.46 22.06 13.06
CA PRO A 128 -5.99 22.65 14.29
C PRO A 128 -4.89 23.65 13.97
N GLU A 129 -4.45 24.43 14.96
CA GLU A 129 -3.21 25.15 14.81
C GLU A 129 -2.06 24.15 14.97
N ASP A 130 -2.14 23.32 15.99
CA ASP A 130 -1.17 22.27 16.21
C ASP A 130 -1.91 21.01 16.59
N GLY A 131 -1.72 19.95 15.82
CA GLY A 131 -2.30 18.67 16.14
C GLY A 131 -2.41 17.79 14.94
N ILE A 132 -3.58 17.17 14.75
CA ILE A 132 -3.83 16.27 13.64
C ILE A 132 -5.09 16.71 12.97
N CYS A 133 -5.04 16.76 11.64
CA CYS A 133 -6.24 16.97 10.86
C CYS A 133 -6.71 15.65 10.27
N GLU A 134 -7.94 15.28 10.57
CA GLU A 134 -8.53 14.10 9.99
C GLU A 134 -9.08 14.45 8.62
N VAL A 135 -8.32 14.13 7.58
CA VAL A 135 -8.77 14.43 6.24
C VAL A 135 -9.59 13.24 5.74
N ARG A 136 -10.86 13.48 5.43
CA ARG A 136 -11.74 12.42 4.97
C ARG A 136 -11.80 12.38 3.43
N ILE A 137 -11.18 11.35 2.84
CA ILE A 137 -10.97 11.27 1.38
C ILE A 137 -11.96 10.31 0.76
N TRP A 138 -12.69 10.78 -0.24
CA TRP A 138 -13.51 9.90 -1.05
C TRP A 138 -12.68 9.51 -2.25
N GLN A 139 -12.22 8.25 -2.28
CA GLN A 139 -11.47 7.71 -3.40
C GLN A 139 -12.52 7.55 -4.48
N ALA A 140 -12.48 8.49 -5.42
CA ALA A 140 -13.49 8.61 -6.49
C ALA A 140 -13.33 7.53 -7.57
N ASN A 141 -12.12 6.99 -7.74
CA ASN A 141 -11.90 5.90 -8.73
C ASN A 141 -12.64 4.68 -8.37
N ILE A 142 -12.53 4.25 -7.11
CA ILE A 142 -13.22 3.01 -6.63
C ILE A 142 -14.42 3.17 -5.68
N GLY A 143 -14.74 4.39 -5.22
CA GLY A 143 -15.92 4.61 -4.33
C GLY A 143 -15.77 4.16 -2.88
N LYS A 144 -14.65 4.54 -2.25
CA LYS A 144 -14.28 4.09 -0.90
C LYS A 144 -13.67 5.23 -0.12
N THR A 145 -13.80 5.19 1.20
CA THR A 145 -13.27 6.19 2.09
C THR A 145 -11.88 5.82 2.57
N ILE A 146 -11.02 6.83 2.58
CA ILE A 146 -9.73 6.78 3.18
C ILE A 146 -9.67 7.96 4.16
N ILE A 147 -9.21 7.72 5.38
CA ILE A 147 -9.01 8.75 6.37
C ILE A 147 -7.51 8.87 6.49
N ALA A 148 -7.02 10.09 6.29
CA ALA A 148 -5.62 10.42 6.43
C ALA A 148 -5.49 11.35 7.65
N HIS A 149 -4.72 10.88 8.63
CA HIS A 149 -4.45 11.65 9.82
C HIS A 149 -3.19 12.43 9.59
N VAL A 150 -3.35 13.70 9.22
CA VAL A 150 -2.24 14.49 8.74
C VAL A 150 -1.79 15.43 9.82
N PRO A 151 -0.50 15.37 10.20
CA PRO A 151 -0.08 16.27 11.24
C PRO A 151 0.04 17.69 10.77
N VAL A 152 -0.18 18.61 11.69
CA VAL A 152 -0.29 20.03 11.42
C VAL A 152 0.46 20.80 12.51
N SER A 153 1.27 21.76 12.09
CA SER A 153 1.97 22.71 12.98
C SER A 153 1.84 24.11 12.40
N GLY A 154 1.47 25.07 13.24
CA GLY A 154 1.33 26.44 12.80
C GLY A 154 0.24 26.55 11.77
N GLY A 155 -0.77 25.69 11.85
CA GLY A 155 -1.87 25.72 10.86
C GLY A 155 -1.54 25.19 9.47
N GLN A 156 -0.32 24.68 9.30
CA GLN A 156 0.14 24.11 8.04
C GLN A 156 0.55 22.64 8.20
N VAL A 157 0.52 21.87 7.12
CA VAL A 157 0.95 20.47 7.15
C VAL A 157 2.37 20.38 7.73
N GLN A 158 2.58 19.50 8.70
CA GLN A 158 3.90 19.18 9.23
C GLN A 158 4.44 18.11 8.27
N GLU A 159 5.41 18.49 7.41
CA GLU A 159 5.93 17.60 6.41
C GLU A 159 7.14 16.88 6.87
N THR A 160 7.97 17.55 7.65
CA THR A 160 9.26 17.01 8.01
C THR A 160 9.17 16.21 9.30
N GLY A 161 10.14 15.33 9.50
CA GLY A 161 10.13 14.45 10.66
C GLY A 161 11.05 13.27 10.51
N ASP A 162 10.92 12.31 11.45
CA ASP A 162 11.89 11.21 11.62
C ASP A 162 11.30 9.83 11.35
N PHE A 163 10.14 9.78 10.72
CA PHE A 163 9.50 8.53 10.35
C PHE A 163 10.05 7.97 9.05
N GLU A 164 10.53 6.72 9.10
CA GLU A 164 11.14 6.06 7.94
C GLU A 164 10.14 5.16 7.26
N LEU A 165 10.16 5.18 5.93
CA LEU A 165 9.35 4.30 5.13
C LEU A 165 10.28 3.63 4.12
N ASP A 166 10.23 2.30 4.04
CA ASP A 166 10.98 1.56 3.05
C ASP A 166 10.72 2.12 1.65
N GLY A 167 11.79 2.34 0.90
CA GLY A 167 11.71 2.95 -0.44
C GLY A 167 11.71 4.46 -0.49
N VAL A 168 11.65 5.10 0.67
CA VAL A 168 11.79 6.57 0.81
C VAL A 168 13.12 6.89 1.43
N THR A 169 13.93 7.58 0.65
CA THR A 169 15.29 7.82 0.96
C THR A 169 15.41 8.55 2.29
N PHE A 170 14.62 9.60 2.49
CA PHE A 170 14.80 10.45 3.69
C PHE A 170 13.54 10.39 4.58
N PRO A 171 13.72 10.45 5.88
CA PRO A 171 12.63 10.44 6.84
C PRO A 171 11.80 11.72 6.77
N ALA A 172 10.55 11.58 7.15
CA ALA A 172 9.59 12.66 7.07
C ALA A 172 8.55 12.39 8.15
N ALA A 173 7.50 13.20 8.20
CA ALA A 173 6.50 13.09 9.23
C ALA A 173 5.57 11.94 8.90
N GLU A 174 5.11 11.25 9.92
CA GLU A 174 4.24 10.08 9.75
C GLU A 174 2.82 10.52 9.50
N ILE A 175 2.20 9.95 8.48
CA ILE A 175 0.78 10.11 8.22
C ILE A 175 0.19 8.71 8.33
N VAL A 176 -0.70 8.51 9.28
CA VAL A 176 -1.42 7.26 9.41
C VAL A 176 -2.65 7.30 8.49
N LEU A 177 -2.85 6.23 7.71
CA LEU A 177 -3.98 6.11 6.83
C LEU A 177 -4.89 5.01 7.31
N GLU A 178 -6.21 5.21 7.20
CA GLU A 178 -7.20 4.18 7.47
C GLU A 178 -8.05 3.98 6.23
N PHE A 179 -8.01 2.79 5.67
CA PHE A 179 -8.85 2.42 4.55
C PHE A 179 -10.07 1.72 5.10
N LEU A 180 -11.22 2.38 4.97
CA LEU A 180 -12.45 1.86 5.52
C LEU A 180 -13.06 0.82 4.59
N ASP A 181 -13.55 -0.27 5.17
CA ASP A 181 -14.25 -1.33 4.43
C ASP A 181 -13.52 -1.69 3.15
N PRO A 182 -12.25 -2.08 3.27
CA PRO A 182 -11.39 -2.40 2.13
C PRO A 182 -11.83 -3.65 1.35
N SER A 183 -11.50 -3.69 0.06
CA SER A 183 -11.92 -4.79 -0.85
C SER A 183 -10.91 -5.12 -1.96
N ASP A 188 -9.20 -12.31 -6.81
CA ASP A 188 -9.18 -13.11 -5.57
C ASP A 188 -10.02 -12.51 -4.41
N GLY A 189 -11.33 -12.38 -4.60
CA GLY A 189 -12.28 -12.00 -3.52
C GLY A 189 -12.85 -13.23 -2.78
N GLY A 190 -14.01 -13.09 -2.14
CA GLY A 190 -14.58 -14.19 -1.32
C GLY A 190 -14.13 -14.13 0.15
N ALA A 191 -14.42 -15.21 0.88
CA ALA A 191 -14.31 -15.22 2.34
C ALA A 191 -12.90 -14.88 2.80
N ILE A 192 -12.81 -14.22 3.95
CA ILE A 192 -11.54 -13.92 4.57
C ILE A 192 -10.83 -15.23 4.91
N PHE A 193 -11.58 -16.24 5.33
CA PHE A 193 -11.05 -17.56 5.70
C PHE A 193 -11.70 -18.60 4.83
N PRO A 194 -11.10 -18.89 3.69
CA PRO A 194 -11.75 -19.79 2.75
C PRO A 194 -11.97 -21.20 3.28
N THR A 195 -11.18 -21.65 4.25
CA THR A 195 -11.47 -22.97 4.84
C THR A 195 -12.58 -22.89 5.88
N GLY A 196 -12.95 -21.69 6.29
CA GLY A 196 -13.89 -21.52 7.40
C GLY A 196 -13.26 -21.62 8.78
N ASN A 197 -11.94 -21.76 8.86
CA ASN A 197 -11.27 -21.88 10.16
C ASN A 197 -10.16 -20.90 10.28
N LEU A 198 -9.93 -20.43 11.51
CA LEU A 198 -8.86 -19.51 11.81
C LEU A 198 -7.52 -20.17 11.77
N VAL A 199 -7.50 -21.46 12.10
CA VAL A 199 -6.31 -22.30 12.02
C VAL A 199 -6.71 -23.66 11.53
N ASP A 200 -5.92 -24.22 10.63
CA ASP A 200 -6.18 -25.54 10.04
C ASP A 200 -4.96 -26.45 10.24
N ASP A 201 -5.15 -27.74 10.05
CA ASP A 201 -4.02 -28.66 9.99
C ASP A 201 -3.71 -28.85 8.52
N LEU A 202 -2.59 -28.28 8.08
CA LEU A 202 -2.26 -28.26 6.68
C LEU A 202 -1.36 -29.43 6.37
N GLU A 203 -1.85 -30.36 5.57
CA GLU A 203 -1.06 -31.51 5.16
C GLU A 203 -0.17 -31.20 3.96
N VAL A 204 1.14 -31.29 4.16
CA VAL A 204 2.11 -31.08 3.10
C VAL A 204 2.84 -32.41 2.80
N PRO A 205 2.39 -33.12 1.74
CA PRO A 205 2.91 -34.44 1.37
C PRO A 205 4.44 -34.53 1.38
N GLY A 206 4.94 -35.52 2.14
CA GLY A 206 6.37 -35.72 2.31
C GLY A 206 7.10 -34.70 3.17
N VAL A 207 6.42 -33.63 3.59
CA VAL A 207 7.06 -32.60 4.41
C VAL A 207 6.57 -32.63 5.85
N GLY A 208 5.24 -32.69 6.02
CA GLY A 208 4.64 -32.70 7.36
C GLY A 208 3.20 -32.21 7.40
N THR A 209 2.65 -32.17 8.61
CA THR A 209 1.34 -31.59 8.82
C THR A 209 1.53 -30.44 9.81
N PHE A 210 1.10 -29.26 9.42
CA PHE A 210 1.46 -28.05 10.13
C PHE A 210 0.24 -27.22 10.45
N LYS A 211 0.24 -26.53 11.59
CA LYS A 211 -0.78 -25.53 11.84
C LYS A 211 -0.64 -24.42 10.80
N ALA A 212 -1.75 -23.92 10.30
CA ALA A 212 -1.68 -22.84 9.34
C ALA A 212 -2.92 -21.96 9.39
N THR A 213 -2.74 -20.65 9.25
CA THR A 213 -3.85 -19.75 8.98
C THR A 213 -3.77 -19.35 7.52
N ILE A 215 -5.60 -17.02 4.96
CA ILE A 215 -6.42 -15.82 5.02
C ILE A 215 -6.38 -15.09 3.66
N ASN A 216 -7.55 -14.64 3.22
CA ASN A 216 -7.67 -13.81 2.04
C ASN A 216 -7.96 -12.38 2.48
N ALA A 217 -6.90 -11.59 2.70
CA ALA A 217 -7.03 -10.22 3.17
C ALA A 217 -5.75 -9.54 2.77
N GLY A 218 -5.85 -8.51 1.93
CA GLY A 218 -4.69 -7.93 1.27
C GLY A 218 -4.33 -8.79 0.07
N ILE A 219 -3.93 -10.02 0.36
CA ILE A 219 -3.58 -11.00 -0.64
C ILE A 219 -3.78 -12.37 0.02
N PRO A 220 -4.21 -13.39 -0.73
CA PRO A 220 -4.26 -14.73 -0.14
C PRO A 220 -2.89 -15.12 0.40
N THR A 221 -2.82 -15.43 1.70
CA THR A 221 -1.60 -15.76 2.37
C THR A 221 -1.79 -17.01 3.22
N VAL A 222 -0.81 -17.90 3.13
CA VAL A 222 -0.68 -19.04 4.01
C VAL A 222 0.35 -18.72 5.09
N PHE A 223 -0.10 -18.68 6.34
CA PHE A 223 0.78 -18.44 7.49
C PHE A 223 1.05 -19.69 8.30
N VAL A 224 2.31 -19.89 8.71
CA VAL A 224 2.67 -21.01 9.56
C VAL A 224 3.57 -20.55 10.68
N ASN A 225 3.71 -21.35 11.73
CA ASN A 225 4.58 -21.05 12.84
C ASN A 225 5.99 -21.45 12.49
N ALA A 226 6.87 -20.48 12.56
CA ALA A 226 8.31 -20.68 12.42
C ALA A 226 8.80 -21.96 13.09
N GLU A 227 8.47 -22.11 14.38
CA GLU A 227 9.04 -23.21 15.15
C GLU A 227 8.65 -24.56 14.55
N GLU A 228 7.38 -24.69 14.18
CA GLU A 228 6.90 -25.96 13.71
C GLU A 228 7.59 -26.39 12.41
N ILE A 229 7.89 -25.44 11.54
CA ILE A 229 8.47 -25.79 10.24
C ILE A 229 9.99 -25.73 10.28
N GLY A 230 10.55 -25.51 11.47
CA GLY A 230 11.96 -25.70 11.70
C GLY A 230 12.78 -24.45 11.67
N TYR A 231 12.11 -23.32 11.80
CA TYR A 231 12.75 -22.01 11.76
C TYR A 231 12.56 -21.26 13.07
N ARG A 232 13.39 -20.26 13.24
CA ARG A 232 13.50 -19.49 14.43
C ARG A 232 12.62 -18.26 14.31
N GLY A 233 12.46 -17.79 13.08
CA GLY A 233 11.62 -16.62 12.78
C GLY A 233 12.40 -15.35 12.56
N THR A 234 13.69 -15.39 12.87
CA THR A 234 14.63 -14.28 12.75
C THR A 234 15.47 -14.34 11.46
N GLU A 235 15.36 -15.43 10.72
CA GLU A 235 16.22 -15.67 9.56
C GLU A 235 16.27 -14.51 8.57
N LEU A 236 17.46 -14.24 8.04
CA LEU A 236 17.65 -13.25 6.99
C LEU A 236 17.75 -13.91 5.60
N ARG A 237 17.87 -13.10 4.57
CA ARG A 237 17.82 -13.64 3.23
C ARG A 237 18.94 -14.61 2.93
N GLU A 238 20.16 -14.27 3.33
CA GLU A 238 21.27 -15.12 2.97
C GLU A 238 21.14 -16.56 3.45
N GLU A 239 20.51 -16.79 4.59
CA GLU A 239 20.46 -18.16 5.13
C GLU A 239 19.33 -18.98 4.54
N ILE A 240 18.51 -18.39 3.69
CA ILE A 240 17.45 -19.15 3.04
C ILE A 240 17.59 -19.17 1.52
N ASN A 241 17.78 -17.99 0.95
CA ASN A 241 17.76 -17.82 -0.49
C ASN A 241 18.91 -18.48 -1.25
N GLY A 242 19.92 -18.95 -0.54
CA GLY A 242 20.98 -19.74 -1.16
C GLY A 242 20.81 -21.27 -1.11
N ASP A 243 19.73 -21.75 -0.51
CA ASP A 243 19.53 -23.20 -0.38
C ASP A 243 18.27 -23.63 -1.12
N PRO A 244 18.43 -24.10 -2.37
CA PRO A 244 17.29 -24.60 -3.13
C PRO A 244 16.46 -25.67 -2.41
N GLN A 245 17.07 -26.49 -1.56
CA GLN A 245 16.30 -27.50 -0.87
C GLN A 245 15.29 -26.83 0.05
N GLN A 246 15.72 -25.78 0.76
CA GLN A 246 14.82 -25.00 1.64
C GLN A 246 13.71 -24.35 0.85
N LEU A 247 14.09 -23.74 -0.26
CA LEU A 247 13.13 -23.01 -1.08
C LEU A 247 12.10 -23.94 -1.68
N ALA A 248 12.53 -25.13 -2.09
CA ALA A 248 11.62 -26.14 -2.65
C ALA A 248 10.63 -26.60 -1.58
N ARG A 249 11.11 -26.72 -0.35
CA ARG A 249 10.28 -27.12 0.77
C ARG A 249 9.20 -26.08 1.06
N PHE A 250 9.56 -24.81 1.02
CA PHE A 250 8.60 -23.73 1.25
C PHE A 250 7.52 -23.75 0.17
N GLU A 251 7.95 -24.01 -1.07
CA GLU A 251 7.03 -24.02 -2.19
C GLU A 251 6.02 -25.14 -2.03
N ARG A 252 6.45 -26.24 -1.40
CA ARG A 252 5.53 -27.36 -1.18
C ARG A 252 4.44 -27.00 -0.20
N ILE A 253 4.83 -26.22 0.80
CA ILE A 253 3.87 -25.72 1.79
C ILE A 253 2.93 -24.74 1.12
N ARG A 254 3.49 -23.84 0.31
CA ARG A 254 2.71 -22.85 -0.38
C ARG A 254 1.68 -23.55 -1.29
N VAL A 255 2.10 -24.59 -2.00
CA VAL A 255 1.20 -25.34 -2.91
C VAL A 255 0.09 -26.07 -2.15
N ALA A 256 0.45 -26.69 -1.05
CA ALA A 256 -0.50 -27.36 -0.16
C ALA A 256 -1.61 -26.37 0.30
N GLY A 257 -1.21 -25.17 0.73
CA GLY A 257 -2.17 -24.12 1.12
C GLY A 257 -3.01 -23.62 -0.03
N ALA A 258 -2.40 -23.50 -1.21
CA ALA A 258 -3.14 -23.07 -2.40
C ALA A 258 -4.24 -24.04 -2.70
N LEU A 259 -3.88 -25.32 -2.62
CA LEU A 259 -4.84 -26.39 -2.85
C LEU A 259 -5.97 -26.31 -1.85
N ARG A 260 -5.61 -26.22 -0.58
CA ARG A 260 -6.57 -26.19 0.51
C ARG A 260 -7.46 -24.92 0.48
N GLY A 262 -8.42 -23.55 -2.26
CA GLY A 262 -9.23 -23.62 -3.49
C GLY A 262 -8.71 -22.73 -4.62
N LEU A 263 -7.49 -22.21 -4.47
CA LEU A 263 -6.88 -21.34 -5.48
C LEU A 263 -6.35 -22.12 -6.69
N ILE A 264 -6.07 -23.40 -6.49
CA ILE A 264 -5.75 -24.32 -7.58
C ILE A 264 -6.44 -25.65 -7.35
N LYS A 265 -6.76 -26.32 -8.45
CA LYS A 265 -7.39 -27.64 -8.40
C LYS A 265 -6.34 -28.75 -8.29
N THR A 266 -5.13 -28.50 -8.80
CA THR A 266 -4.08 -29.52 -8.84
C THR A 266 -2.69 -28.95 -8.55
N PRO A 267 -1.80 -29.72 -7.89
CA PRO A 267 -0.44 -29.20 -7.55
C PRO A 267 0.43 -28.70 -8.70
N GLU A 268 0.20 -29.23 -9.90
CA GLU A 268 0.96 -28.81 -11.09
C GLU A 268 0.50 -27.43 -11.59
N GLU A 269 -0.73 -27.09 -11.30
CA GLU A 269 -1.29 -25.76 -11.56
C GLU A 269 -0.48 -24.63 -10.87
N ALA A 270 0.19 -24.99 -9.79
CA ALA A 270 0.98 -24.02 -9.01
C ALA A 270 2.27 -23.61 -9.73
N ALA A 271 2.78 -24.48 -10.60
CA ALA A 271 3.94 -24.10 -11.43
C ALA A 271 3.69 -22.78 -12.17
N THR A 272 2.45 -22.55 -12.59
CA THR A 272 2.11 -21.39 -13.37
C THR A 272 1.23 -20.44 -12.56
N ARG A 273 1.31 -20.53 -11.24
CA ARG A 273 0.62 -19.58 -10.36
C ARG A 273 1.52 -19.29 -9.17
N GLN A 274 2.55 -18.51 -9.44
CA GLN A 274 3.61 -18.27 -8.48
C GLN A 274 3.36 -17.04 -7.59
N HIS A 275 2.39 -16.21 -7.94
CA HIS A 275 2.16 -14.93 -7.25
C HIS A 275 1.30 -15.05 -6.01
N THR A 276 0.30 -15.91 -6.05
CA THR A 276 -0.57 -16.13 -4.91
C THR A 276 -0.82 -17.63 -4.76
N PRO A 277 -1.04 -18.11 -3.52
CA PRO A 277 -0.96 -17.33 -2.28
C PRO A 277 0.48 -17.04 -1.95
N LYS A 278 0.72 -16.06 -1.09
CA LYS A 278 2.04 -15.93 -0.47
C LYS A 278 2.19 -16.93 0.67
N ILE A 279 3.42 -17.11 1.16
CA ILE A 279 3.75 -18.04 2.23
C ILE A 279 4.61 -17.27 3.21
N ALA A 280 4.23 -17.30 4.48
CA ALA A 280 5.02 -16.57 5.50
C ALA A 280 5.00 -17.37 6.78
N PHE A 281 6.02 -17.17 7.59
CA PHE A 281 6.09 -17.83 8.86
C PHE A 281 6.29 -16.78 9.92
N VAL A 282 5.66 -17.05 11.06
CA VAL A 282 5.57 -16.12 12.19
C VAL A 282 6.15 -16.72 13.48
N ALA A 283 6.50 -15.84 14.39
CA ALA A 283 7.03 -16.23 15.66
C ALA A 283 6.81 -15.12 16.69
N PRO A 284 6.78 -15.50 17.96
CA PRO A 284 6.81 -14.46 18.99
C PRO A 284 8.10 -13.69 18.89
N PRO A 285 8.11 -12.49 19.47
CA PRO A 285 9.25 -11.63 19.37
C PRO A 285 10.52 -12.16 20.01
N ARG A 286 11.62 -11.78 19.41
CA ARG A 286 12.92 -12.28 19.73
C ARG A 286 13.82 -11.20 19.20
N ASP A 287 14.87 -10.90 19.94
CA ASP A 287 15.90 -10.06 19.44
C ASP A 287 16.55 -10.66 18.22
N TYR A 288 16.90 -9.81 17.27
CA TYR A 288 17.70 -10.21 16.11
C TYR A 288 18.44 -9.03 15.50
N ARG A 289 19.50 -9.35 14.78
CA ARG A 289 20.27 -8.38 14.00
C ARG A 289 19.99 -8.58 12.50
N THR A 290 19.83 -7.49 11.77
CA THR A 290 19.79 -7.53 10.31
C THR A 290 21.18 -7.82 9.60
N ALA A 291 21.12 -8.16 8.30
CA ALA A 291 22.30 -8.25 7.39
C ALA A 291 23.10 -6.94 7.43
N SER A 292 22.40 -5.79 7.34
CA SER A 292 23.03 -4.46 7.63
C SER A 292 23.87 -4.43 8.96
N GLY A 293 23.27 -4.91 10.06
CA GLY A 293 23.92 -4.90 11.38
C GLY A 293 23.11 -4.24 12.51
N LYS A 294 21.88 -3.84 12.22
CA LYS A 294 21.08 -3.10 13.18
C LYS A 294 20.30 -4.07 14.07
N LEU A 295 20.21 -3.79 15.37
CA LEU A 295 19.60 -4.73 16.29
C LEU A 295 18.15 -4.34 16.51
N VAL A 296 17.24 -5.32 16.43
CA VAL A 296 15.85 -5.12 16.84
C VAL A 296 15.59 -5.91 18.12
N ALA A 297 15.20 -5.24 19.20
CA ALA A 297 14.92 -5.87 20.48
C ALA A 297 13.49 -6.42 20.51
N ALA A 298 13.32 -7.54 21.20
CA ALA A 298 12.04 -8.21 21.34
C ALA A 298 10.99 -7.26 21.90
N GLY A 299 11.40 -6.43 22.84
CA GLY A 299 10.50 -5.47 23.49
C GLY A 299 9.95 -4.41 22.55
N ASP A 300 10.60 -4.23 21.41
CA ASP A 300 10.24 -3.21 20.48
C ASP A 300 9.19 -3.70 19.49
N ILE A 301 8.95 -5.00 19.43
CA ILE A 301 8.04 -5.55 18.43
C ILE A 301 7.03 -6.47 19.11
N ASP A 302 5.94 -6.74 18.42
CA ASP A 302 4.89 -7.63 18.87
C ASP A 302 5.06 -9.05 18.34
N LEU A 303 5.68 -9.21 17.17
CA LEU A 303 5.93 -10.51 16.62
C LEU A 303 6.96 -10.41 15.49
N LEU A 304 7.41 -11.56 15.02
CA LEU A 304 8.31 -11.64 13.87
C LEU A 304 7.49 -12.21 12.74
N VAL A 305 7.73 -11.73 11.54
CA VAL A 305 7.15 -12.30 10.33
C VAL A 305 8.23 -12.34 9.24
N ARG A 306 8.25 -13.45 8.50
CA ARG A 306 9.11 -13.61 7.34
C ARG A 306 8.24 -14.13 6.20
N ALA A 307 8.32 -13.50 5.03
CA ALA A 307 7.51 -13.91 3.91
C ALA A 307 8.34 -14.16 2.69
N LEU A 308 7.90 -15.11 1.86
CA LEU A 308 8.53 -15.34 0.57
C LEU A 308 7.64 -14.75 -0.51
N SER A 309 8.26 -14.15 -1.52
CA SER A 309 7.53 -13.79 -2.74
C SER A 309 8.29 -14.33 -3.96
N GLY A 311 9.22 -17.17 -4.71
CA GLY A 311 10.18 -18.23 -4.43
C GLY A 311 11.40 -17.80 -3.66
N LYS A 312 11.40 -16.59 -3.12
CA LYS A 312 12.55 -16.10 -2.37
C LYS A 312 12.10 -15.33 -1.13
N LEU A 313 12.88 -15.40 -0.05
CA LEU A 313 12.58 -14.59 1.14
C LEU A 313 12.63 -13.10 0.77
N HIS A 314 11.57 -12.36 1.07
CA HIS A 314 11.51 -10.91 0.84
C HIS A 314 12.36 -10.16 1.87
N HIS A 315 12.98 -9.05 1.45
CA HIS A 315 13.93 -8.28 2.29
C HIS A 315 13.28 -7.48 3.42
N ALA A 316 12.00 -7.22 3.26
CA ALA A 316 11.23 -6.49 4.23
C ALA A 316 9.82 -7.13 4.24
N GLY A 319 3.66 -5.16 0.28
CA GLY A 319 2.57 -4.31 0.70
C GLY A 319 1.28 -5.04 1.03
N THR A 320 0.82 -5.86 0.10
CA THR A 320 -0.43 -6.55 0.36
C THR A 320 -0.29 -7.58 1.48
N ALA A 321 0.90 -8.14 1.63
CA ALA A 321 1.16 -9.10 2.73
C ALA A 321 1.19 -8.43 4.10
N ALA A 322 1.60 -7.16 4.12
CA ALA A 322 1.55 -6.35 5.33
C ALA A 322 0.08 -6.22 5.75
N VAL A 323 -0.83 -6.08 4.79
CA VAL A 323 -2.27 -5.99 5.12
C VAL A 323 -2.82 -7.31 5.70
N ALA A 324 -2.36 -8.42 5.12
CA ALA A 324 -2.73 -9.76 5.58
C ALA A 324 -2.26 -9.98 7.04
N ILE A 325 -1.06 -9.48 7.35
CA ILE A 325 -0.54 -9.63 8.67
C ILE A 325 -1.43 -8.84 9.62
N GLY A 326 -1.67 -7.57 9.30
CA GLY A 326 -2.43 -6.69 10.18
C GLY A 326 -3.81 -7.26 10.37
N THR A 327 -4.40 -7.74 9.32
CA THR A 327 -5.73 -8.30 9.41
C THR A 327 -5.75 -9.57 10.29
N ALA A 328 -4.84 -10.49 10.00
CA ALA A 328 -4.77 -11.72 10.77
C ALA A 328 -4.44 -11.44 12.25
N ALA A 329 -3.57 -10.45 12.51
CA ALA A 329 -3.24 -10.12 13.87
C ALA A 329 -4.48 -9.67 14.64
N ALA A 330 -5.36 -8.92 13.97
CA ALA A 330 -6.53 -8.34 14.61
C ALA A 330 -7.62 -9.38 14.93
N ILE A 331 -7.57 -10.54 14.26
CA ILE A 331 -8.63 -11.53 14.37
C ILE A 331 -8.15 -12.57 15.39
N PRO A 332 -8.77 -12.56 16.57
CA PRO A 332 -8.25 -13.40 17.63
C PRO A 332 -8.33 -14.87 17.31
N GLY A 333 -7.25 -15.58 17.51
CA GLY A 333 -7.21 -17.02 17.27
C GLY A 333 -6.35 -17.43 16.11
N THR A 334 -6.04 -16.50 15.20
CA THR A 334 -5.15 -16.82 14.08
C THR A 334 -3.76 -17.01 14.61
N LEU A 335 -2.94 -17.68 13.82
CA LEU A 335 -1.55 -17.91 14.20
C LEU A 335 -0.81 -16.59 14.34
N VAL A 336 -1.20 -15.60 13.54
CA VAL A 336 -0.54 -14.27 13.60
C VAL A 336 -0.97 -13.58 14.88
N ASN A 337 -2.28 -13.59 15.14
CA ASN A 337 -2.76 -13.06 16.41
C ASN A 337 -2.03 -13.72 17.58
N LEU A 338 -1.96 -15.05 17.57
CA LEU A 338 -1.32 -15.75 18.70
C LEU A 338 0.16 -15.45 18.85
N ALA A 339 0.86 -15.31 17.73
CA ALA A 339 2.29 -14.96 17.72
C ALA A 339 2.53 -13.59 18.36
N ALA A 340 1.59 -12.68 18.14
CA ALA A 340 1.61 -11.32 18.67
C ALA A 340 1.15 -11.23 20.15
N GLY A 341 0.75 -12.34 20.79
CA GLY A 341 0.39 -12.32 22.20
C GLY A 341 -1.06 -12.66 22.50
N GLY A 342 -1.86 -12.75 21.45
CA GLY A 342 -3.26 -13.09 21.59
C GLY A 342 -4.12 -11.93 22.03
N GLY A 343 -5.40 -12.20 22.24
CA GLY A 343 -6.31 -11.15 22.63
C GLY A 343 -6.43 -10.04 21.61
N GLU A 344 -6.68 -8.84 22.10
CA GLU A 344 -6.92 -7.72 21.23
C GLU A 344 -5.58 -7.26 20.63
N ARG A 345 -5.50 -7.19 19.32
CA ARG A 345 -4.28 -6.76 18.62
C ARG A 345 -4.68 -5.95 17.39
N SER A 346 -5.35 -4.83 17.62
CA SER A 346 -5.83 -4.04 16.50
C SER A 346 -4.74 -3.18 15.80
N ALA A 347 -3.55 -3.14 16.40
CA ALA A 347 -2.35 -2.61 15.77
C ALA A 347 -1.20 -3.47 16.27
N VAL A 348 -0.29 -3.85 15.38
CA VAL A 348 0.91 -4.58 15.76
C VAL A 348 2.11 -4.04 15.02
N ARG A 349 3.27 -4.05 15.69
CA ARG A 349 4.56 -3.80 15.05
C ARG A 349 5.30 -5.13 14.90
N PHE A 350 5.54 -5.54 13.67
CA PHE A 350 6.29 -6.78 13.38
C PHE A 350 7.71 -6.50 12.89
N GLY A 351 8.58 -7.47 13.21
CA GLY A 351 9.98 -7.42 12.84
C GLY A 351 10.13 -8.20 11.57
N HIS A 352 10.65 -7.57 10.51
CA HIS A 352 10.94 -8.28 9.27
C HIS A 352 12.45 -8.23 9.08
N PRO A 353 13.01 -8.85 8.01
CA PRO A 353 14.47 -8.91 7.90
C PRO A 353 15.24 -7.59 8.00
N SER A 354 14.65 -6.49 7.55
CA SER A 354 15.38 -5.25 7.46
C SER A 354 14.92 -4.13 8.42
N GLY A 355 14.06 -4.46 9.36
CA GLY A 355 13.44 -3.43 10.18
C GLY A 355 12.11 -3.90 10.73
N THR A 356 11.26 -2.93 11.03
CA THR A 356 9.97 -3.18 11.68
C THR A 356 8.92 -2.35 10.96
N LEU A 357 7.68 -2.79 11.06
CA LEU A 357 6.56 -2.13 10.42
C LEU A 357 5.30 -2.21 11.34
N ARG A 358 4.63 -1.08 11.55
CA ARG A 358 3.40 -1.02 12.32
C ARG A 358 2.19 -1.01 11.39
N VAL A 359 1.36 -2.02 11.54
CA VAL A 359 0.14 -2.14 10.78
C VAL A 359 -1.04 -2.39 11.72
N GLY A 360 -2.25 -2.22 11.20
CA GLY A 360 -3.43 -2.39 12.01
C GLY A 360 -4.62 -2.78 11.20
N ALA A 361 -5.62 -3.26 11.91
CA ALA A 361 -6.88 -3.65 11.29
C ALA A 361 -7.99 -3.68 12.31
N GLU A 362 -9.20 -3.56 11.81
CA GLU A 362 -10.41 -3.87 12.57
C GLU A 362 -11.27 -4.79 11.74
N ALA A 363 -11.94 -5.70 12.42
CA ALA A 363 -12.72 -6.74 11.78
C ALA A 363 -13.89 -7.11 12.70
N SER A 364 -15.00 -7.57 12.13
CA SER A 364 -16.09 -7.98 12.95
C SER A 364 -16.68 -9.30 12.46
N GLN A 365 -17.40 -9.96 13.35
CA GLN A 365 -17.86 -11.33 13.19
C GLN A 365 -19.37 -11.39 13.31
N ALA A 366 -19.97 -12.22 12.49
CA ALA A 366 -21.42 -12.34 12.40
C ALA A 366 -21.72 -13.65 11.66
N ASN A 367 -22.27 -14.59 12.43
CA ASN A 367 -22.60 -15.98 12.00
C ASN A 367 -21.35 -16.76 11.49
N GLY A 368 -20.27 -16.66 12.28
CA GLY A 368 -18.97 -17.27 11.96
C GLY A 368 -18.12 -16.44 10.99
N GLU A 369 -18.77 -15.49 10.29
CA GLU A 369 -18.23 -14.85 9.09
C GLU A 369 -17.58 -13.49 9.40
N TRP A 370 -16.30 -13.38 9.11
CA TRP A 370 -15.54 -12.18 9.42
C TRP A 370 -15.61 -11.15 8.27
N THR A 371 -15.75 -9.88 8.63
CA THR A 371 -15.66 -8.75 7.72
C THR A 371 -14.58 -7.79 8.19
N VAL A 372 -13.70 -7.36 7.29
CA VAL A 372 -12.66 -6.39 7.65
C VAL A 372 -13.26 -5.01 7.49
N THR A 373 -13.20 -4.20 8.53
CA THR A 373 -13.79 -2.88 8.48
C THR A 373 -12.75 -1.78 8.28
N LYS A 374 -11.50 -2.07 8.64
CA LYS A 374 -10.39 -1.13 8.43
C LYS A 374 -9.08 -1.82 8.13
N ALA A 375 -8.30 -1.21 7.24
CA ALA A 375 -6.86 -1.46 7.11
C ALA A 375 -6.12 -0.17 7.49
N ILE A 376 -5.13 -0.30 8.34
CA ILE A 376 -4.42 0.84 8.89
C ILE A 376 -2.93 0.68 8.63
N SER A 378 0.98 3.28 7.96
CA SER A 378 1.62 4.58 8.04
C SER A 378 2.49 4.83 6.81
N ARG A 379 2.40 6.04 6.30
CA ARG A 379 3.24 6.48 5.19
C ARG A 379 3.67 7.90 5.44
N SER A 380 4.28 8.52 4.45
CA SER A 380 4.68 9.91 4.57
C SER A 380 4.53 10.54 3.22
N ALA A 381 4.48 11.86 3.19
CA ALA A 381 4.36 12.64 1.94
C ALA A 381 5.16 13.94 2.09
N ARG A 382 5.65 14.48 0.97
CA ARG A 382 6.16 15.84 0.99
C ARG A 382 6.08 16.51 -0.38
N ILE A 383 5.93 17.83 -0.34
CA ILE A 383 5.98 18.64 -1.54
C ILE A 383 7.41 18.73 -2.04
N LEU A 384 7.60 18.45 -3.33
CA LEU A 384 8.91 18.56 -3.96
C LEU A 384 9.05 19.88 -4.71
N GLU A 386 6.31 23.32 -6.18
CA GLU A 386 4.99 23.90 -6.30
C GLU A 386 5.05 25.13 -7.20
N GLY A 387 3.96 25.41 -7.91
CA GLY A 387 3.92 26.56 -8.77
C GLY A 387 2.99 26.21 -9.92
N TRP A 388 3.56 26.14 -11.13
CA TRP A 388 2.76 25.90 -12.34
C TRP A 388 3.51 24.95 -13.24
N VAL A 389 2.80 24.01 -13.81
CA VAL A 389 3.32 23.24 -14.92
C VAL A 389 3.02 24.00 -16.21
N ARG A 390 3.85 23.78 -17.22
CA ARG A 390 3.58 24.29 -18.57
C ARG A 390 3.41 23.19 -19.61
N VAL A 391 2.42 23.37 -20.48
CA VAL A 391 2.30 22.55 -21.63
C VAL A 391 1.88 23.46 -22.80
N PRO A 392 2.15 23.03 -24.03
CA PRO A 392 1.60 23.73 -25.19
C PRO A 392 0.07 23.72 -25.21
N GLY A 393 -0.53 24.86 -25.59
CA GLY A 393 -1.96 25.04 -25.45
C GLY A 393 -2.77 24.18 -26.39
N ASP A 394 -2.11 23.72 -27.44
CA ASP A 394 -2.69 22.95 -28.52
C ASP A 394 -2.53 21.47 -28.25
N ALA A 395 -1.86 21.09 -27.17
CA ALA A 395 -1.61 19.68 -26.87
C ALA A 395 -2.83 18.89 -26.35
N PHE A 396 -3.89 19.59 -25.96
CA PHE A 396 -5.08 18.97 -25.37
C PHE A 396 -6.34 19.75 -25.76
#